data_3QFO
#
_entry.id   3QFO
#
_cell.length_a   57.654
_cell.length_b   74.940
_cell.length_c   149.130
_cell.angle_alpha   90.00
_cell.angle_beta   90.00
_cell.angle_gamma   90.00
#
_symmetry.space_group_name_H-M   'P 21 21 21'
#
loop_
_entity.id
_entity.type
_entity.pdbx_description
1 polymer 'Putative uncharacterized protein'
2 non-polymer 'ADENOSINE MONOPHOSPHATE'
3 non-polymer 'FE (III) ION'
4 non-polymer 'MANGANESE (II) ION'
5 water water
#
_entity_poly.entity_id   1
_entity_poly.type   'polypeptide(L)'
_entity_poly.pdbx_seq_one_letter_code
;MGHHHHHHMDMTKIALLSDIHGNTTALEAVLADARQLGVDEYWLLGDILMPGTGRRRILDLLDQLPITARVLGNWEDSLW
HGVRKELDSTRPSQRYLLRQCQYVLEEISLEEIEVLHNQPLQIHRQFGDLTVGISHHLPDKNWGRELIHTGKQEEFDRLV
THPPCDIAVYGHIHQQLLRYGTGGQLIVNPGSIGQPFFLDAQLRKDLRAQYMILEFDDKGLVDMDFRRVDYDVAAELQLA
KDLRLPYFEVYYESLVNGIHHTHHQEFLRE
;
_entity_poly.pdbx_strand_id   A,B
#
loop_
_chem_comp.id
_chem_comp.type
_chem_comp.name
_chem_comp.formula
AMP non-polymer 'ADENOSINE MONOPHOSPHATE' 'C10 H14 N5 O7 P'
FE non-polymer 'FE (III) ION' 'Fe 3'
MN non-polymer 'MANGANESE (II) ION' 'Mn 2'
#
# COMPACT_ATOMS: atom_id res chain seq x y z
N MET A 11 11.22 -16.08 9.12
CA MET A 11 10.31 -15.31 8.22
C MET A 11 9.07 -16.11 7.84
N THR A 12 7.92 -15.42 7.81
CA THR A 12 6.65 -15.99 7.36
C THR A 12 6.06 -15.10 6.25
N LYS A 13 5.84 -15.71 5.10
CA LYS A 13 5.31 -15.03 3.94
C LYS A 13 3.84 -15.43 3.74
N ILE A 14 2.93 -14.45 3.82
CA ILE A 14 1.49 -14.69 3.76
C ILE A 14 0.80 -14.00 2.57
N ALA A 15 0.12 -14.81 1.75
CA ALA A 15 -0.68 -14.31 0.63
C ALA A 15 -2.11 -14.09 1.10
N LEU A 16 -2.62 -12.89 0.87
CA LEU A 16 -4.00 -12.58 1.21
C LEU A 16 -4.81 -12.77 -0.05
N LEU A 17 -5.79 -13.65 0.03
CA LEU A 17 -6.65 -13.98 -1.11
C LEU A 17 -8.03 -13.52 -0.77
N SER A 18 -8.59 -12.66 -1.59
CA SER A 18 -9.92 -12.14 -1.33
C SER A 18 -10.75 -11.96 -2.60
N ASP A 19 -12.07 -12.08 -2.47
CA ASP A 19 -12.99 -11.66 -3.53
C ASP A 19 -12.61 -12.32 -4.87
N ILE A 20 -12.51 -13.64 -4.82
CA ILE A 20 -12.27 -14.49 -5.99
C ILE A 20 -13.48 -14.47 -6.92
N HIS A 21 -14.68 -14.55 -6.32
CA HIS A 21 -15.95 -14.47 -7.03
C HIS A 21 -16.06 -15.45 -8.19
N GLY A 22 -15.58 -16.67 -7.97
CA GLY A 22 -15.65 -17.72 -8.96
C GLY A 22 -14.80 -17.52 -10.20
N ASN A 23 -13.85 -16.57 -10.17
CA ASN A 23 -12.99 -16.36 -11.34
C ASN A 23 -11.86 -17.40 -11.39
N THR A 24 -12.17 -18.51 -12.05
CA THR A 24 -11.30 -19.67 -12.08
C THR A 24 -9.90 -19.35 -12.61
N THR A 25 -9.83 -18.67 -13.75
CA THR A 25 -8.55 -18.40 -14.42
C THR A 25 -7.71 -17.42 -13.61
N ALA A 26 -8.35 -16.38 -13.05
CA ALA A 26 -7.64 -15.42 -12.22
C ALA A 26 -7.07 -16.11 -10.98
N LEU A 27 -7.88 -16.94 -10.31
CA LEU A 27 -7.42 -17.64 -9.12
C LEU A 27 -6.22 -18.56 -9.41
N GLU A 28 -6.30 -19.33 -10.50
CA GLU A 28 -5.22 -20.24 -10.86
C GLU A 28 -3.93 -19.48 -11.13
N ALA A 29 -4.03 -18.30 -11.75
CA ALA A 29 -2.86 -17.51 -12.06
C ALA A 29 -2.25 -16.89 -10.80
N VAL A 30 -3.11 -16.42 -9.88
CA VAL A 30 -2.68 -15.88 -8.59
C VAL A 30 -2.02 -16.97 -7.73
N LEU A 31 -2.62 -18.15 -7.70
CA LEU A 31 -2.03 -19.28 -6.97
C LEU A 31 -0.68 -19.73 -7.52
N ALA A 32 -0.49 -19.62 -8.84
CA ALA A 32 0.80 -19.94 -9.45
C ALA A 32 1.86 -18.87 -9.17
N ASP A 33 1.42 -17.61 -9.13
CA ASP A 33 2.33 -16.52 -8.78
C ASP A 33 2.80 -16.68 -7.33
N ALA A 34 1.87 -16.98 -6.42
CA ALA A 34 2.16 -17.17 -5.00
C ALA A 34 3.10 -18.36 -4.73
N ARG A 35 2.91 -19.44 -5.50
CA ARG A 35 3.75 -20.64 -5.41
C ARG A 35 5.19 -20.29 -5.81
N GLN A 36 5.33 -19.56 -6.91
CA GLN A 36 6.62 -19.03 -7.38
C GLN A 36 7.33 -18.18 -6.32
N LEU A 37 6.57 -17.42 -5.54
CA LEU A 37 7.15 -16.53 -4.52
C LEU A 37 7.50 -17.25 -3.23
N GLY A 38 7.15 -18.54 -3.14
CA GLY A 38 7.42 -19.35 -1.95
C GLY A 38 6.59 -18.95 -0.74
N VAL A 39 5.32 -18.61 -0.95
CA VAL A 39 4.38 -18.28 0.12
C VAL A 39 4.20 -19.45 1.10
N ASP A 40 4.22 -19.14 2.40
CA ASP A 40 4.13 -20.14 3.48
C ASP A 40 2.70 -20.40 3.93
N GLU A 41 1.89 -19.35 3.95
CA GLU A 41 0.49 -19.53 4.27
C GLU A 41 -0.45 -18.58 3.51
N TYR A 42 -1.73 -18.91 3.55
CA TYR A 42 -2.73 -18.22 2.80
C TYR A 42 -3.82 -17.80 3.76
N TRP A 43 -4.29 -16.57 3.59
CA TRP A 43 -5.45 -16.09 4.30
C TRP A 43 -6.55 -15.78 3.29
N LEU A 44 -7.75 -16.26 3.60
CA LEU A 44 -8.88 -16.18 2.69
C LEU A 44 -9.91 -15.25 3.28
N LEU A 45 -10.10 -14.10 2.64
CA LEU A 45 -10.97 -13.06 3.20
C LEU A 45 -12.41 -13.19 2.75
N GLY A 46 -12.73 -14.18 1.92
CA GLY A 46 -14.13 -14.42 1.54
C GLY A 46 -14.57 -13.86 0.18
N ASP A 47 -15.84 -14.07 -0.12
CA ASP A 47 -16.41 -13.90 -1.47
C ASP A 47 -15.70 -14.83 -2.45
N ILE A 48 -15.95 -16.11 -2.23
CA ILE A 48 -15.27 -17.19 -2.92
C ILE A 48 -15.95 -17.56 -4.26
N LEU A 49 -17.24 -17.88 -4.19
CA LEU A 49 -18.01 -18.29 -5.35
C LEU A 49 -19.00 -17.23 -5.84
N MET A 50 -19.17 -17.17 -7.16
CA MET A 50 -20.18 -16.33 -7.84
C MET A 50 -19.71 -14.90 -7.98
N PRO A 51 -20.05 -14.24 -9.11
CA PRO A 51 -20.84 -14.75 -10.25
C PRO A 51 -20.02 -15.41 -11.36
N GLY A 52 -18.80 -15.86 -11.02
CA GLY A 52 -17.89 -16.40 -12.01
C GLY A 52 -18.08 -17.88 -12.24
N THR A 53 -17.20 -18.44 -13.08
CA THR A 53 -17.35 -19.79 -13.63
C THR A 53 -17.12 -20.87 -12.62
N GLY A 54 -16.26 -20.57 -11.64
CA GLY A 54 -15.68 -21.61 -10.81
C GLY A 54 -16.57 -22.22 -9.76
N ARG A 55 -16.55 -23.55 -9.70
CA ARG A 55 -17.32 -24.26 -8.73
C ARG A 55 -16.39 -25.26 -8.07
N ARG A 56 -16.47 -26.54 -8.48
CA ARG A 56 -15.63 -27.59 -7.93
C ARG A 56 -14.13 -27.26 -7.99
N ARG A 57 -13.69 -26.78 -9.14
CA ARG A 57 -12.31 -26.39 -9.36
C ARG A 57 -11.79 -25.37 -8.33
N ILE A 58 -12.65 -24.43 -7.91
CA ILE A 58 -12.24 -23.44 -6.89
C ILE A 58 -12.01 -24.10 -5.53
N LEU A 59 -12.96 -24.92 -5.09
CA LEU A 59 -12.84 -25.58 -3.79
C LEU A 59 -11.62 -26.51 -3.75
N ASP A 60 -11.36 -27.21 -4.86
CA ASP A 60 -10.22 -28.13 -4.96
C ASP A 60 -8.89 -27.40 -4.85
N LEU A 61 -8.74 -26.31 -5.61
CA LEU A 61 -7.56 -25.46 -5.52
C LEU A 61 -7.28 -24.94 -4.10
N LEU A 62 -8.34 -24.53 -3.39
CA LEU A 62 -8.20 -24.06 -2.01
C LEU A 62 -7.87 -25.21 -1.04
N ASP A 63 -8.44 -26.39 -1.30
CA ASP A 63 -8.13 -27.59 -0.51
C ASP A 63 -6.64 -27.96 -0.54
N GLN A 64 -5.95 -27.56 -1.62
CA GLN A 64 -4.51 -27.80 -1.78
C GLN A 64 -3.66 -26.80 -0.97
N LEU A 65 -4.30 -25.82 -0.33
CA LEU A 65 -3.58 -24.73 0.29
C LEU A 65 -3.47 -24.83 1.81
N PRO A 66 -2.31 -24.40 2.36
CA PRO A 66 -2.17 -24.16 3.79
C PRO A 66 -2.90 -22.87 4.21
N ILE A 67 -4.21 -22.98 4.44
CA ILE A 67 -5.03 -21.85 4.82
C ILE A 67 -5.05 -21.74 6.33
N THR A 68 -4.47 -20.67 6.87
CA THR A 68 -4.30 -20.52 8.31
C THR A 68 -5.24 -19.49 8.89
N ALA A 69 -5.95 -18.78 8.02
CA ALA A 69 -6.99 -17.84 8.45
C ALA A 69 -8.08 -17.74 7.39
N ARG A 70 -9.33 -17.72 7.83
CA ARG A 70 -10.46 -17.71 6.91
C ARG A 70 -11.62 -16.99 7.58
N VAL A 71 -12.24 -16.06 6.85
CA VAL A 71 -13.41 -15.36 7.35
C VAL A 71 -14.56 -15.33 6.33
N LEU A 72 -15.74 -15.03 6.82
CA LEU A 72 -16.98 -15.10 6.06
C LEU A 72 -17.23 -13.84 5.22
N GLY A 73 -17.35 -13.97 3.91
CA GLY A 73 -17.77 -12.86 3.04
C GLY A 73 -19.28 -12.82 2.90
N ASN A 74 -19.82 -11.67 2.46
CA ASN A 74 -21.27 -11.55 2.28
C ASN A 74 -21.84 -12.44 1.15
N TRP A 75 -21.01 -12.79 0.16
CA TRP A 75 -21.44 -13.69 -0.91
C TRP A 75 -21.60 -15.15 -0.45
N GLU A 76 -20.92 -15.54 0.64
CA GLU A 76 -21.16 -16.84 1.26
C GLU A 76 -22.55 -16.90 1.90
N ASP A 77 -22.97 -15.78 2.51
CA ASP A 77 -24.33 -15.66 3.07
C ASP A 77 -25.38 -15.67 1.95
N SER A 78 -25.09 -14.93 0.88
CA SER A 78 -25.97 -14.84 -0.27
C SER A 78 -26.19 -16.20 -0.90
N LEU A 79 -25.12 -16.99 -1.01
CA LEU A 79 -25.24 -18.33 -1.55
C LEU A 79 -26.11 -19.18 -0.61
N TRP A 80 -25.93 -18.99 0.69
CA TRP A 80 -26.64 -19.75 1.71
C TRP A 80 -28.15 -19.48 1.62
N HIS A 81 -28.53 -18.21 1.64
CA HIS A 81 -29.90 -17.79 1.40
C HIS A 81 -30.49 -18.34 0.10
N GLY A 82 -29.69 -18.31 -0.98
CA GLY A 82 -30.14 -18.77 -2.28
C GLY A 82 -30.52 -20.23 -2.32
N VAL A 83 -29.70 -21.08 -1.73
CA VAL A 83 -29.95 -22.51 -1.79
C VAL A 83 -31.04 -22.94 -0.80
N ARG A 84 -31.42 -22.03 0.09
CA ARG A 84 -32.49 -22.24 1.07
C ARG A 84 -33.84 -21.65 0.64
N LYS A 85 -33.87 -21.10 -0.58
CA LYS A 85 -35.13 -20.65 -1.20
C LYS A 85 -35.74 -19.50 -0.45
N GLU A 86 -34.91 -18.49 -0.20
CA GLU A 86 -35.32 -17.31 0.52
C GLU A 86 -35.23 -16.09 -0.40
N LEU A 87 -34.96 -16.33 -1.68
CA LEU A 87 -34.82 -15.24 -2.63
C LEU A 87 -36.10 -15.04 -3.44
N ASP A 88 -36.40 -13.78 -3.72
CA ASP A 88 -37.61 -13.38 -4.45
C ASP A 88 -37.23 -12.73 -5.79
N SER A 89 -37.44 -13.46 -6.88
CA SER A 89 -37.01 -13.01 -8.22
C SER A 89 -37.72 -11.78 -8.76
N THR A 90 -38.78 -11.32 -8.08
CA THR A 90 -39.41 -10.06 -8.49
C THR A 90 -38.52 -8.87 -8.17
N ARG A 91 -37.53 -9.09 -7.31
CA ARG A 91 -36.48 -8.09 -7.08
C ARG A 91 -35.32 -8.42 -8.02
N PRO A 92 -35.00 -7.53 -8.98
CA PRO A 92 -33.93 -7.81 -9.95
C PRO A 92 -32.64 -8.33 -9.31
N SER A 93 -32.21 -7.72 -8.21
CA SER A 93 -30.95 -8.14 -7.59
C SER A 93 -31.02 -9.56 -7.02
N GLN A 94 -32.19 -9.98 -6.55
CA GLN A 94 -32.32 -11.34 -6.02
C GLN A 94 -32.48 -12.36 -7.13
N ARG A 95 -33.13 -11.95 -8.21
CA ARG A 95 -33.30 -12.80 -9.38
C ARG A 95 -31.92 -13.14 -9.95
N TYR A 96 -31.07 -12.12 -10.02
CA TYR A 96 -29.68 -12.29 -10.43
C TYR A 96 -28.97 -13.29 -9.51
N LEU A 97 -29.02 -13.05 -8.20
CA LEU A 97 -28.37 -13.96 -7.25
C LEU A 97 -28.89 -15.39 -7.34
N LEU A 98 -30.21 -15.54 -7.45
CA LEU A 98 -30.82 -16.87 -7.49
C LEU A 98 -30.29 -17.71 -8.65
N ARG A 99 -30.25 -17.14 -9.85
CA ARG A 99 -29.69 -17.82 -11.01
C ARG A 99 -28.24 -18.22 -10.81
N GLN A 100 -27.45 -17.34 -10.16
CA GLN A 100 -26.07 -17.70 -9.83
C GLN A 100 -26.00 -18.90 -8.89
N CYS A 101 -26.85 -18.90 -7.87
CA CYS A 101 -26.95 -20.04 -6.93
C CYS A 101 -27.31 -21.34 -7.65
N GLN A 102 -28.22 -21.26 -8.61
CA GLN A 102 -28.64 -22.43 -9.39
C GLN A 102 -27.47 -22.97 -10.19
N TYR A 103 -26.73 -22.08 -10.82
CA TYR A 103 -25.48 -22.43 -11.50
C TYR A 103 -24.56 -23.19 -10.55
N VAL A 104 -24.33 -22.63 -9.36
CA VAL A 104 -23.45 -23.27 -8.37
C VAL A 104 -23.97 -24.65 -7.92
N LEU A 105 -25.29 -24.75 -7.75
CA LEU A 105 -25.91 -25.99 -7.28
C LEU A 105 -25.76 -27.19 -8.23
N GLU A 106 -25.41 -26.94 -9.49
CA GLU A 106 -25.10 -28.03 -10.44
C GLU A 106 -23.90 -28.90 -10.04
N GLU A 107 -22.96 -28.33 -9.27
CA GLU A 107 -21.73 -29.05 -8.89
C GLU A 107 -21.51 -29.14 -7.39
N ILE A 108 -21.93 -28.10 -6.67
CA ILE A 108 -21.61 -27.98 -5.25
C ILE A 108 -22.81 -28.41 -4.42
N SER A 109 -22.56 -29.31 -3.46
CA SER A 109 -23.60 -29.84 -2.56
C SER A 109 -23.98 -28.86 -1.46
N LEU A 110 -25.10 -29.13 -0.80
CA LEU A 110 -25.56 -28.34 0.34
C LEU A 110 -24.61 -28.44 1.53
N GLU A 111 -23.99 -29.60 1.69
CA GLU A 111 -23.04 -29.87 2.78
C GLU A 111 -21.77 -29.01 2.61
N GLU A 112 -21.32 -28.88 1.36
CA GLU A 112 -20.16 -28.05 1.05
C GLU A 112 -20.48 -26.56 1.21
N ILE A 113 -21.71 -26.18 0.87
CA ILE A 113 -22.18 -24.82 1.08
C ILE A 113 -22.25 -24.44 2.56
N GLU A 114 -22.64 -25.42 3.38
CA GLU A 114 -22.68 -25.30 4.84
C GLU A 114 -21.30 -24.98 5.41
N VAL A 115 -20.27 -25.68 4.93
CA VAL A 115 -18.87 -25.40 5.30
C VAL A 115 -18.47 -23.98 4.91
N LEU A 116 -18.84 -23.58 3.70
CA LEU A 116 -18.56 -22.24 3.18
C LEU A 116 -19.19 -21.16 4.05
N HIS A 117 -20.37 -21.47 4.60
CA HIS A 117 -21.13 -20.54 5.41
C HIS A 117 -20.68 -20.54 6.88
N ASN A 118 -20.08 -21.64 7.33
CA ASN A 118 -19.71 -21.82 8.73
C ASN A 118 -18.32 -21.24 8.98
N GLN A 119 -18.25 -19.91 9.00
CA GLN A 119 -16.98 -19.22 9.12
C GLN A 119 -17.14 -17.98 9.99
N PRO A 120 -16.10 -17.64 10.76
CA PRO A 120 -16.19 -16.47 11.62
C PRO A 120 -16.16 -15.15 10.85
N LEU A 121 -16.84 -14.14 11.38
CA LEU A 121 -16.81 -12.81 10.79
C LEU A 121 -15.43 -12.16 10.97
N GLN A 122 -14.84 -12.33 12.15
CA GLN A 122 -13.53 -11.75 12.48
C GLN A 122 -12.68 -12.70 13.29
N ILE A 123 -11.38 -12.73 12.99
CA ILE A 123 -10.41 -13.48 13.80
C ILE A 123 -9.13 -12.65 14.00
N HIS A 124 -8.19 -13.21 14.77
CA HIS A 124 -6.93 -12.57 15.08
C HIS A 124 -5.80 -13.57 15.01
N ARG A 125 -4.64 -13.07 14.60
CA ARG A 125 -3.44 -13.87 14.48
C ARG A 125 -2.33 -13.01 15.09
N GLN A 126 -1.30 -13.66 15.64
CA GLN A 126 -0.21 -12.96 16.34
C GLN A 126 1.11 -13.25 15.65
N PHE A 127 1.94 -12.22 15.48
CA PHE A 127 3.31 -12.38 14.95
C PHE A 127 4.27 -11.59 15.83
N GLY A 128 4.86 -12.25 16.82
CA GLY A 128 5.73 -11.60 17.78
C GLY A 128 4.95 -10.55 18.53
N ASP A 129 5.38 -9.29 18.40
CA ASP A 129 4.72 -8.15 19.07
C ASP A 129 3.42 -7.72 18.37
N LEU A 130 3.14 -8.27 17.19
CA LEU A 130 2.07 -7.73 16.34
C LEU A 130 0.80 -8.54 16.33
N THR A 131 -0.31 -7.87 16.65
CA THR A 131 -1.64 -8.46 16.58
C THR A 131 -2.36 -8.03 15.29
N VAL A 132 -2.76 -9.04 14.51
CA VAL A 132 -3.46 -8.80 13.23
C VAL A 132 -4.93 -9.18 13.30
N GLY A 133 -5.81 -8.20 13.07
CA GLY A 133 -7.23 -8.47 12.90
C GLY A 133 -7.59 -8.75 11.44
N ILE A 134 -8.53 -9.67 11.23
CA ILE A 134 -8.93 -10.17 9.90
C ILE A 134 -10.47 -10.27 9.82
N SER A 135 -11.05 -9.63 8.80
CA SER A 135 -12.48 -9.68 8.54
C SER A 135 -12.73 -9.35 7.05
N HIS A 136 -13.89 -9.75 6.53
CA HIS A 136 -14.24 -9.43 5.14
C HIS A 136 -14.44 -7.93 4.98
N HIS A 137 -15.26 -7.36 5.85
CA HIS A 137 -15.55 -5.95 5.85
C HIS A 137 -15.41 -5.50 7.30
N LEU A 138 -16.49 -5.03 7.92
CA LEU A 138 -16.48 -4.71 9.34
C LEU A 138 -16.39 -5.97 10.21
N PRO A 139 -15.90 -5.82 11.46
CA PRO A 139 -15.75 -6.96 12.37
C PRO A 139 -17.04 -7.74 12.58
N ASP A 140 -18.18 -7.05 12.55
CA ASP A 140 -19.47 -7.65 12.86
C ASP A 140 -20.46 -7.54 11.71
N LYS A 141 -19.99 -7.17 10.52
CA LYS A 141 -20.88 -6.81 9.42
C LYS A 141 -20.13 -6.98 8.09
N ASN A 142 -20.38 -8.09 7.38
CA ASN A 142 -19.57 -8.40 6.19
C ASN A 142 -20.11 -7.81 4.87
N TRP A 143 -21.05 -6.89 4.99
CA TRP A 143 -21.70 -6.26 3.86
C TRP A 143 -21.76 -4.77 4.11
N GLY A 144 -22.16 -4.01 3.10
CA GLY A 144 -22.26 -2.56 3.23
C GLY A 144 -21.16 -1.78 2.51
N ARG A 145 -21.15 -0.47 2.76
CA ARG A 145 -20.27 0.48 2.08
C ARG A 145 -19.51 1.34 3.07
N GLU A 146 -19.54 0.98 4.35
CA GLU A 146 -18.87 1.77 5.39
C GLU A 146 -17.39 2.02 5.07
N LEU A 147 -16.69 1.00 4.59
CA LEU A 147 -15.22 1.07 4.42
C LEU A 147 -14.75 1.28 2.98
N ILE A 148 -15.56 1.97 2.18
CA ILE A 148 -15.16 2.36 0.84
C ILE A 148 -13.97 3.34 0.89
N HIS A 149 -13.40 3.65 -0.26
CA HIS A 149 -12.22 4.51 -0.36
C HIS A 149 -12.38 5.85 0.37
N THR A 150 -13.61 6.37 0.41
CA THR A 150 -13.88 7.65 1.07
C THR A 150 -14.61 7.50 2.40
N GLY A 151 -14.54 6.30 2.99
CA GLY A 151 -15.23 6.02 4.25
C GLY A 151 -14.81 6.90 5.41
N LYS A 152 -15.70 7.03 6.40
CA LYS A 152 -15.42 7.84 7.59
C LYS A 152 -14.31 7.22 8.43
N GLN A 153 -13.48 8.06 9.05
CA GLN A 153 -12.41 7.58 9.93
C GLN A 153 -12.97 6.71 11.08
N GLU A 154 -14.12 7.11 11.62
CA GLU A 154 -14.85 6.33 12.65
C GLU A 154 -15.06 4.87 12.28
N GLU A 155 -15.48 4.64 11.04
CA GLU A 155 -15.73 3.29 10.54
C GLU A 155 -14.43 2.49 10.45
N PHE A 156 -13.37 3.11 9.91
CA PHE A 156 -12.06 2.47 9.83
C PHE A 156 -11.47 2.10 11.20
N ASP A 157 -11.71 2.96 12.20
CA ASP A 157 -11.23 2.71 13.56
C ASP A 157 -11.87 1.45 14.16
N ARG A 158 -13.03 1.06 13.66
CA ARG A 158 -13.71 -0.17 14.10
C ARG A 158 -12.92 -1.44 13.82
N LEU A 159 -12.03 -1.38 12.81
CA LEU A 159 -11.21 -2.53 12.43
C LEU A 159 -10.08 -2.79 13.40
N VAL A 160 -9.69 -1.73 14.10
CA VAL A 160 -8.47 -1.77 14.90
C VAL A 160 -8.69 -1.53 16.39
N THR A 161 -9.92 -1.22 16.79
CA THR A 161 -10.28 -1.04 18.22
C THR A 161 -11.53 -1.86 18.57
N HIS A 162 -11.66 -2.20 19.86
CA HIS A 162 -12.82 -2.97 20.37
C HIS A 162 -13.21 -4.15 19.49
N PRO A 163 -12.37 -5.22 19.46
CA PRO A 163 -11.09 -5.43 20.10
C PRO A 163 -9.91 -4.83 19.31
N PRO A 164 -8.80 -4.52 20.00
CA PRO A 164 -7.65 -3.88 19.35
C PRO A 164 -6.81 -4.81 18.48
N CYS A 165 -6.18 -4.24 17.46
CA CYS A 165 -5.07 -4.88 16.79
C CYS A 165 -4.11 -3.81 16.28
N ASP A 166 -2.93 -4.24 15.85
CA ASP A 166 -1.91 -3.33 15.31
C ASP A 166 -2.06 -3.21 13.78
N ILE A 167 -2.53 -4.30 13.17
CA ILE A 167 -2.70 -4.37 11.72
C ILE A 167 -4.04 -5.02 11.46
N ALA A 168 -4.92 -4.34 10.73
CA ALA A 168 -6.14 -4.98 10.28
C ALA A 168 -6.04 -5.24 8.78
N VAL A 169 -6.50 -6.42 8.36
CA VAL A 169 -6.65 -6.72 6.95
C VAL A 169 -8.14 -6.96 6.65
N TYR A 170 -8.63 -6.35 5.56
CA TYR A 170 -9.99 -6.60 5.10
C TYR A 170 -10.08 -6.72 3.59
N GLY A 171 -11.25 -7.11 3.10
CA GLY A 171 -11.51 -7.21 1.66
C GLY A 171 -12.70 -6.37 1.24
N HIS A 172 -13.61 -6.99 0.48
CA HIS A 172 -14.96 -6.45 0.22
C HIS A 172 -15.07 -5.27 -0.74
N ILE A 173 -14.14 -4.32 -0.67
CA ILE A 173 -14.25 -3.15 -1.54
C ILE A 173 -13.58 -3.33 -2.91
N HIS A 174 -12.81 -4.42 -3.07
CA HIS A 174 -12.23 -4.78 -4.36
C HIS A 174 -11.19 -3.74 -4.81
N GLN A 175 -10.54 -3.12 -3.83
CA GLN A 175 -9.47 -2.16 -4.07
C GLN A 175 -8.30 -2.44 -3.12
N GLN A 176 -7.07 -2.26 -3.62
CA GLN A 176 -5.88 -2.38 -2.79
C GLN A 176 -5.74 -1.14 -1.90
N LEU A 177 -5.30 -1.35 -0.67
CA LEU A 177 -5.30 -0.27 0.32
C LEU A 177 -4.22 -0.47 1.37
N LEU A 178 -3.60 0.64 1.76
CA LEU A 178 -2.75 0.72 2.93
C LEU A 178 -3.04 2.07 3.58
N ARG A 179 -3.83 2.08 4.65
CA ARG A 179 -4.00 3.31 5.42
C ARG A 179 -4.01 3.05 6.93
N TYR A 180 -4.54 3.98 7.72
CA TYR A 180 -4.31 4.00 9.17
C TYR A 180 -5.55 4.21 10.01
N GLY A 181 -5.56 3.59 11.18
CA GLY A 181 -6.47 3.99 12.24
C GLY A 181 -5.98 5.30 12.81
N THR A 182 -6.87 5.99 13.53
CA THR A 182 -6.54 7.27 14.19
C THR A 182 -5.28 7.15 15.02
N GLY A 183 -5.13 6.01 15.70
CA GLY A 183 -3.99 5.70 16.53
C GLY A 183 -2.79 5.09 15.80
N GLY A 184 -2.82 5.13 14.45
CA GLY A 184 -1.63 4.75 13.66
C GLY A 184 -1.53 3.28 13.31
N GLN A 185 -2.59 2.53 13.62
CA GLN A 185 -2.67 1.10 13.27
C GLN A 185 -2.81 0.94 11.77
N LEU A 186 -2.14 -0.05 11.20
CA LEU A 186 -2.22 -0.32 9.76
C LEU A 186 -3.55 -0.95 9.38
N ILE A 187 -4.10 -0.46 8.27
CA ILE A 187 -5.27 -1.08 7.66
C ILE A 187 -4.90 -1.40 6.21
N VAL A 188 -4.94 -2.69 5.87
CA VAL A 188 -4.57 -3.14 4.52
C VAL A 188 -5.68 -3.92 3.83
N ASN A 189 -5.69 -3.85 2.49
CA ASN A 189 -6.66 -4.56 1.66
C ASN A 189 -5.95 -5.08 0.42
N PRO A 190 -6.06 -6.41 0.14
CA PRO A 190 -5.33 -6.95 -1.02
C PRO A 190 -6.04 -6.66 -2.37
N GLY A 191 -7.25 -6.14 -2.33
CA GLY A 191 -8.06 -5.98 -3.54
C GLY A 191 -8.74 -7.28 -3.89
N SER A 192 -9.16 -7.40 -5.15
CA SER A 192 -9.95 -8.54 -5.59
C SER A 192 -9.22 -9.38 -6.64
N ILE A 193 -9.18 -10.69 -6.42
CA ILE A 193 -8.62 -11.63 -7.37
C ILE A 193 -9.48 -11.66 -8.66
N GLY A 194 -10.80 -11.75 -8.51
CA GLY A 194 -11.69 -12.03 -9.64
C GLY A 194 -12.49 -10.91 -10.26
N GLN A 195 -12.58 -9.78 -9.56
CA GLN A 195 -13.41 -8.65 -9.94
C GLN A 195 -12.78 -7.31 -9.51
N PRO A 196 -11.53 -7.01 -9.95
CA PRO A 196 -10.88 -5.77 -9.48
C PRO A 196 -11.71 -4.55 -9.80
N PHE A 197 -11.68 -3.55 -8.92
CA PHE A 197 -12.59 -2.43 -9.03
C PHE A 197 -11.84 -1.11 -9.02
N PHE A 198 -12.12 -0.31 -10.04
CA PHE A 198 -11.48 1.00 -10.22
C PHE A 198 -12.52 2.06 -10.50
N LEU A 199 -12.45 3.17 -9.78
CA LEU A 199 -13.29 4.32 -10.09
C LEU A 199 -12.61 5.19 -11.14
N ASP A 200 -11.29 5.06 -11.26
CA ASP A 200 -10.52 5.83 -12.24
C ASP A 200 -10.41 5.07 -13.56
N ALA A 201 -10.82 5.73 -14.64
CA ALA A 201 -10.97 5.07 -15.93
C ALA A 201 -9.63 4.66 -16.57
N GLN A 202 -8.56 5.39 -16.26
CA GLN A 202 -7.23 4.99 -16.76
C GLN A 202 -6.70 3.75 -16.01
N LEU A 203 -6.82 3.76 -14.69
CA LEU A 203 -6.46 2.57 -13.90
C LEU A 203 -7.31 1.37 -14.30
N ARG A 204 -8.57 1.63 -14.67
CA ARG A 204 -9.51 0.59 -15.12
C ARG A 204 -9.11 -0.13 -16.43
N LYS A 205 -8.16 0.44 -17.18
CA LYS A 205 -7.69 -0.23 -18.40
C LYS A 205 -6.86 -1.48 -18.11
N ASP A 206 -6.60 -1.74 -16.83
CA ASP A 206 -5.75 -2.84 -16.36
C ASP A 206 -6.57 -3.62 -15.34
N LEU A 207 -7.02 -4.80 -15.72
CA LEU A 207 -7.96 -5.57 -14.90
C LEU A 207 -7.35 -6.90 -14.51
N ARG A 208 -6.04 -6.89 -14.36
CA ARG A 208 -5.33 -8.03 -13.83
C ARG A 208 -5.83 -8.29 -12.42
N ALA A 209 -5.71 -9.54 -11.98
CA ALA A 209 -6.04 -9.94 -10.62
C ALA A 209 -5.24 -9.14 -9.60
N GLN A 210 -5.91 -8.80 -8.50
CA GLN A 210 -5.27 -8.13 -7.37
C GLN A 210 -5.13 -9.05 -6.17
N TYR A 211 -3.94 -9.09 -5.58
CA TYR A 211 -3.77 -9.66 -4.25
C TYR A 211 -2.56 -9.03 -3.55
N MET A 212 -2.29 -9.44 -2.32
CA MET A 212 -1.14 -8.89 -1.62
C MET A 212 -0.40 -9.91 -0.77
N ILE A 213 0.89 -9.64 -0.57
CA ILE A 213 1.73 -10.42 0.32
C ILE A 213 2.12 -9.62 1.56
N LEU A 214 1.91 -10.22 2.73
CA LEU A 214 2.56 -9.73 3.95
C LEU A 214 3.74 -10.64 4.27
N GLU A 215 4.80 -10.03 4.79
CA GLU A 215 5.95 -10.79 5.24
C GLU A 215 6.33 -10.34 6.66
N PHE A 216 6.29 -11.29 7.61
CA PHE A 216 6.70 -11.03 8.97
C PHE A 216 8.03 -11.70 9.23
N ASP A 217 8.91 -11.00 9.94
CA ASP A 217 10.16 -11.61 10.40
C ASP A 217 10.34 -11.32 11.89
N ASP A 218 11.52 -11.62 12.43
CA ASP A 218 11.75 -11.43 13.87
C ASP A 218 11.65 -9.97 14.32
N LYS A 219 11.86 -9.03 13.39
CA LYS A 219 11.79 -7.61 13.71
C LYS A 219 10.38 -6.97 13.61
N GLY A 220 9.50 -7.60 12.84
CA GLY A 220 8.13 -7.12 12.66
C GLY A 220 7.70 -7.36 11.23
N LEU A 221 6.85 -6.46 10.71
CA LEU A 221 6.34 -6.55 9.35
C LEU A 221 7.38 -5.95 8.40
N VAL A 222 7.97 -6.78 7.54
CA VAL A 222 9.10 -6.35 6.72
C VAL A 222 8.70 -5.96 5.28
N ASP A 223 7.49 -6.36 4.86
CA ASP A 223 7.06 -6.19 3.47
C ASP A 223 5.54 -6.22 3.31
N MET A 224 5.04 -5.28 2.50
CA MET A 224 3.66 -5.26 2.02
C MET A 224 3.75 -5.13 0.50
N ASP A 225 3.52 -6.23 -0.20
CA ASP A 225 3.60 -6.23 -1.65
C ASP A 225 2.21 -6.31 -2.29
N PHE A 226 1.76 -5.20 -2.87
CA PHE A 226 0.47 -5.18 -3.57
C PHE A 226 0.66 -5.57 -5.03
N ARG A 227 0.24 -6.79 -5.38
CA ARG A 227 0.56 -7.37 -6.67
C ARG A 227 -0.63 -7.41 -7.66
N ARG A 228 -0.27 -7.38 -8.94
CA ARG A 228 -1.20 -7.63 -10.04
C ARG A 228 -0.70 -8.87 -10.78
N VAL A 229 -1.62 -9.79 -11.07
CA VAL A 229 -1.29 -11.02 -11.78
C VAL A 229 -2.06 -11.14 -13.12
N ASP A 230 -1.29 -11.27 -14.19
CA ASP A 230 -1.84 -11.49 -15.51
C ASP A 230 -2.55 -12.82 -15.57
N TYR A 231 -3.73 -12.82 -16.19
CA TYR A 231 -4.43 -14.08 -16.44
C TYR A 231 -5.15 -14.02 -17.78
N ASP A 232 -5.43 -15.18 -18.34
CA ASP A 232 -6.02 -15.28 -19.67
C ASP A 232 -7.52 -14.95 -19.64
N VAL A 233 -7.84 -13.68 -19.87
CA VAL A 233 -9.22 -13.25 -19.82
C VAL A 233 -10.08 -13.99 -20.87
N ALA A 234 -9.58 -14.05 -22.11
CA ALA A 234 -10.30 -14.70 -23.21
C ALA A 234 -10.65 -16.14 -22.87
N ALA A 235 -9.72 -16.84 -22.23
CA ALA A 235 -9.98 -18.21 -21.77
C ALA A 235 -11.07 -18.28 -20.69
N GLU A 236 -11.11 -17.30 -19.79
CA GLU A 236 -12.12 -17.29 -18.73
C GLU A 236 -13.53 -17.10 -19.32
N LEU A 237 -13.65 -16.15 -20.23
CA LEU A 237 -14.90 -15.90 -20.97
C LEU A 237 -15.32 -17.06 -21.87
N GLN A 238 -14.35 -17.80 -22.43
CA GLN A 238 -14.66 -18.97 -23.26
C GLN A 238 -15.19 -20.05 -22.35
N LEU A 239 -14.62 -20.12 -21.14
CA LEU A 239 -15.07 -21.05 -20.13
C LEU A 239 -16.50 -20.71 -19.68
N ALA A 240 -16.80 -19.42 -19.54
CA ALA A 240 -18.15 -18.96 -19.16
C ALA A 240 -19.22 -19.36 -20.19
N LYS A 241 -18.93 -19.14 -21.47
CA LYS A 241 -19.77 -19.61 -22.58
C LYS A 241 -19.99 -21.13 -22.52
N ASP A 242 -18.90 -21.89 -22.47
CA ASP A 242 -18.96 -23.36 -22.50
C ASP A 242 -19.71 -23.99 -21.31
N LEU A 243 -19.72 -23.29 -20.18
CA LEU A 243 -20.35 -23.80 -18.95
C LEU A 243 -21.76 -23.23 -18.78
N ARG A 244 -22.15 -22.37 -19.71
CA ARG A 244 -23.49 -21.75 -19.71
C ARG A 244 -23.70 -20.89 -18.47
N LEU A 245 -22.65 -20.18 -18.08
CA LEU A 245 -22.70 -19.24 -16.97
C LEU A 245 -23.84 -18.24 -17.21
N PRO A 246 -24.69 -18.02 -16.19
CA PRO A 246 -25.76 -17.03 -16.35
C PRO A 246 -25.20 -15.61 -16.44
N TYR A 247 -25.94 -14.73 -17.11
CA TYR A 247 -25.59 -13.31 -17.25
C TYR A 247 -24.19 -13.11 -17.87
N PHE A 248 -23.92 -13.81 -18.98
CA PHE A 248 -22.62 -13.73 -19.65
C PHE A 248 -22.16 -12.29 -19.84
N GLU A 249 -23.04 -11.46 -20.37
CA GLU A 249 -22.72 -10.07 -20.71
C GLU A 249 -22.31 -9.21 -19.50
N VAL A 250 -22.92 -9.49 -18.35
CA VAL A 250 -22.52 -8.84 -17.10
C VAL A 250 -21.08 -9.26 -16.70
N TYR A 251 -20.78 -10.56 -16.76
CA TYR A 251 -19.45 -11.10 -16.43
C TYR A 251 -18.40 -10.56 -17.41
N TYR A 252 -18.72 -10.64 -18.71
CA TYR A 252 -17.92 -10.02 -19.76
C TYR A 252 -17.58 -8.57 -19.44
N GLU A 253 -18.59 -7.74 -19.14
CA GLU A 253 -18.33 -6.32 -18.91
C GLU A 253 -17.41 -6.05 -17.70
N SER A 254 -17.54 -6.88 -16.66
CA SER A 254 -16.71 -6.73 -15.47
C SER A 254 -15.25 -7.17 -15.69
N LEU A 255 -15.04 -8.18 -16.54
CA LEU A 255 -13.68 -8.69 -16.80
C LEU A 255 -12.92 -7.93 -17.86
N VAL A 256 -13.65 -7.37 -18.82
CA VAL A 256 -13.07 -6.67 -19.96
C VAL A 256 -13.03 -5.17 -19.73
N ASN A 257 -14.15 -4.62 -19.28
CA ASN A 257 -14.27 -3.18 -19.11
C ASN A 257 -14.23 -2.68 -17.66
N GLY A 258 -14.37 -3.61 -16.72
CA GLY A 258 -14.28 -3.28 -15.29
C GLY A 258 -15.45 -2.48 -14.75
N ILE A 259 -16.56 -2.54 -15.45
CA ILE A 259 -17.79 -1.88 -15.01
C ILE A 259 -18.69 -2.90 -14.35
N HIS A 260 -19.25 -2.52 -13.19
CA HIS A 260 -20.01 -3.46 -12.36
C HIS A 260 -21.51 -3.14 -12.33
N MET B 11 9.15 -3.39 -18.91
CA MET B 11 9.13 -3.00 -17.46
C MET B 11 10.11 -1.87 -17.12
N THR B 12 9.65 -0.93 -16.29
CA THR B 12 10.51 0.00 -15.57
C THR B 12 10.23 -0.20 -14.08
N LYS B 13 11.27 -0.53 -13.32
CA LYS B 13 11.20 -0.64 -11.86
C LYS B 13 11.75 0.65 -11.25
N ILE B 14 10.90 1.34 -10.49
CA ILE B 14 11.26 2.63 -9.90
C ILE B 14 11.34 2.56 -8.37
N ALA B 15 12.44 3.05 -7.81
CA ALA B 15 12.57 3.16 -6.36
C ALA B 15 12.24 4.58 -5.98
N LEU B 16 11.35 4.73 -5.01
CA LEU B 16 11.02 6.05 -4.50
C LEU B 16 11.83 6.24 -3.24
N LEU B 17 12.60 7.32 -3.21
CA LEU B 17 13.45 7.64 -2.06
C LEU B 17 12.93 8.93 -1.46
N SER B 18 12.48 8.87 -0.22
CA SER B 18 11.98 10.07 0.43
C SER B 18 12.50 10.22 1.86
N ASP B 19 12.67 11.47 2.28
CA ASP B 19 12.89 11.76 3.71
C ASP B 19 14.08 10.95 4.26
N ILE B 20 15.22 11.13 3.59
CA ILE B 20 16.50 10.54 3.99
C ILE B 20 16.97 11.25 5.26
N HIS B 21 16.82 12.57 5.29
CA HIS B 21 17.19 13.37 6.45
C HIS B 21 18.64 13.16 6.94
N GLY B 22 19.57 12.96 6.02
CA GLY B 22 20.97 12.82 6.39
C GLY B 22 21.30 11.47 7.03
N ASN B 23 20.38 10.52 6.98
CA ASN B 23 20.66 9.25 7.63
C ASN B 23 21.51 8.38 6.71
N THR B 24 22.82 8.55 6.84
CA THR B 24 23.81 7.93 5.99
C THR B 24 23.67 6.43 5.92
N THR B 25 23.63 5.77 7.07
CA THR B 25 23.64 4.30 7.11
C THR B 25 22.33 3.73 6.57
N ALA B 26 21.21 4.39 6.87
CA ALA B 26 19.92 3.95 6.35
C ALA B 26 19.89 4.05 4.81
N LEU B 27 20.39 5.16 4.26
CA LEU B 27 20.40 5.33 2.81
C LEU B 27 21.25 4.25 2.13
N GLU B 28 22.46 4.03 2.64
CA GLU B 28 23.37 3.02 2.09
C GLU B 28 22.70 1.66 2.07
N ALA B 29 22.00 1.34 3.15
CA ALA B 29 21.28 0.07 3.20
C ALA B 29 20.12 0.03 2.18
N VAL B 30 19.35 1.11 2.06
CA VAL B 30 18.24 1.12 1.08
C VAL B 30 18.78 0.98 -0.34
N LEU B 31 19.83 1.73 -0.66
CA LEU B 31 20.47 1.68 -1.97
C LEU B 31 21.01 0.29 -2.34
N ALA B 32 21.60 -0.42 -1.39
CA ALA B 32 22.03 -1.81 -1.63
C ALA B 32 20.85 -2.77 -1.84
N ASP B 33 19.75 -2.57 -1.12
CA ASP B 33 18.52 -3.36 -1.33
C ASP B 33 17.93 -3.09 -2.73
N ALA B 34 17.85 -1.82 -3.09
CA ALA B 34 17.35 -1.41 -4.40
C ALA B 34 18.20 -1.96 -5.57
N ARG B 35 19.52 -1.86 -5.43
CA ARG B 35 20.46 -2.35 -6.45
C ARG B 35 20.33 -3.86 -6.63
N GLN B 36 20.09 -4.58 -5.54
CA GLN B 36 19.88 -6.02 -5.56
C GLN B 36 18.59 -6.41 -6.28
N LEU B 37 17.62 -5.49 -6.30
CA LEU B 37 16.32 -5.75 -6.88
C LEU B 37 16.25 -5.43 -8.34
N GLY B 38 17.34 -4.89 -8.88
CA GLY B 38 17.41 -4.54 -10.29
C GLY B 38 16.62 -3.30 -10.66
N VAL B 39 16.53 -2.35 -9.73
CA VAL B 39 15.82 -1.09 -9.96
C VAL B 39 16.42 -0.33 -11.15
N ASP B 40 15.54 0.24 -11.97
CA ASP B 40 15.96 0.95 -13.20
C ASP B 40 16.16 2.43 -13.03
N GLU B 41 15.43 3.00 -12.07
CA GLU B 41 15.53 4.43 -11.80
C GLU B 41 15.02 4.75 -10.40
N TYR B 42 15.31 5.97 -9.98
CA TYR B 42 15.09 6.42 -8.64
C TYR B 42 14.38 7.74 -8.73
N TRP B 43 13.35 7.92 -7.91
CA TRP B 43 12.71 9.21 -7.75
C TRP B 43 13.02 9.76 -6.34
N LEU B 44 13.35 11.04 -6.29
CA LEU B 44 13.77 11.65 -5.06
C LEU B 44 12.71 12.63 -4.59
N LEU B 45 12.05 12.29 -3.49
CA LEU B 45 10.90 13.08 -3.08
C LEU B 45 11.24 14.20 -2.13
N GLY B 46 12.53 14.38 -1.81
CA GLY B 46 12.96 15.51 -0.98
C GLY B 46 13.20 15.21 0.50
N ASP B 47 13.64 16.23 1.24
CA ASP B 47 14.13 16.08 2.63
C ASP B 47 15.36 15.15 2.67
N ILE B 48 16.40 15.65 2.01
CA ILE B 48 17.60 14.91 1.73
C ILE B 48 18.59 14.96 2.91
N LEU B 49 18.89 16.17 3.37
CA LEU B 49 19.90 16.39 4.40
C LEU B 49 19.26 16.94 5.68
N MET B 50 19.87 16.62 6.83
CA MET B 50 19.43 17.11 8.15
C MET B 50 18.19 16.39 8.68
N PRO B 51 18.16 16.08 9.99
CA PRO B 51 19.19 16.40 10.98
C PRO B 51 20.21 15.30 11.18
N GLY B 52 20.27 14.34 10.26
CA GLY B 52 21.24 13.25 10.34
C GLY B 52 22.69 13.57 9.98
N THR B 53 23.50 12.52 9.94
CA THR B 53 24.96 12.57 9.80
C THR B 53 25.53 12.92 8.42
N GLY B 54 24.86 12.48 7.36
CA GLY B 54 25.44 12.52 6.02
C GLY B 54 25.42 13.89 5.38
N ARG B 55 26.53 14.27 4.77
CA ARG B 55 26.58 15.51 4.03
C ARG B 55 27.10 15.21 2.64
N ARG B 56 28.40 15.42 2.41
CA ARG B 56 29.05 15.00 1.17
C ARG B 56 28.71 13.54 0.81
N ARG B 57 28.77 12.64 1.77
CA ARG B 57 28.46 11.23 1.52
C ARG B 57 27.06 11.00 0.90
N ILE B 58 26.05 11.74 1.36
CA ILE B 58 24.70 11.58 0.81
C ILE B 58 24.64 12.10 -0.63
N LEU B 59 25.17 13.30 -0.88
CA LEU B 59 25.14 13.86 -2.22
C LEU B 59 25.98 13.00 -3.18
N ASP B 60 27.05 12.37 -2.68
CA ASP B 60 27.88 11.46 -3.47
C ASP B 60 27.11 10.21 -3.85
N LEU B 61 26.46 9.60 -2.86
CA LEU B 61 25.67 8.40 -3.11
C LEU B 61 24.54 8.64 -4.11
N LEU B 62 23.88 9.79 -4.01
CA LEU B 62 22.79 10.12 -4.91
C LEU B 62 23.30 10.43 -6.32
N ASP B 63 24.52 10.98 -6.39
CA ASP B 63 25.22 11.23 -7.65
C ASP B 63 25.50 9.97 -8.47
N GLN B 64 25.70 8.84 -7.80
CA GLN B 64 25.96 7.56 -8.47
C GLN B 64 24.69 6.89 -9.04
N LEU B 65 23.53 7.52 -8.86
CA LEU B 65 22.26 6.87 -9.22
C LEU B 65 21.58 7.49 -10.46
N PRO B 66 20.85 6.65 -11.22
CA PRO B 66 19.93 7.16 -12.23
C PRO B 66 18.64 7.77 -11.61
N ILE B 67 18.76 9.04 -11.23
CA ILE B 67 17.65 9.81 -10.68
C ILE B 67 16.95 10.53 -11.82
N THR B 68 15.73 10.07 -12.14
CA THR B 68 14.95 10.61 -13.25
C THR B 68 13.87 11.61 -12.83
N ALA B 69 13.66 11.76 -11.52
CA ALA B 69 12.69 12.71 -11.01
C ALA B 69 13.09 13.18 -9.62
N ARG B 70 12.94 14.47 -9.36
CA ARG B 70 13.39 15.04 -8.12
C ARG B 70 12.52 16.24 -7.80
N VAL B 71 11.96 16.28 -6.60
CA VAL B 71 11.15 17.41 -6.17
C VAL B 71 11.65 18.04 -4.87
N LEU B 72 11.22 19.27 -4.62
CA LEU B 72 11.67 20.08 -3.50
C LEU B 72 10.99 19.70 -2.17
N GLY B 73 11.80 19.36 -1.17
CA GLY B 73 11.28 19.13 0.18
C GLY B 73 11.38 20.39 1.03
N ASN B 74 10.57 20.47 2.08
CA ASN B 74 10.61 21.65 2.95
C ASN B 74 11.93 21.80 3.70
N TRP B 75 12.64 20.70 3.96
CA TRP B 75 13.94 20.82 4.63
C TRP B 75 15.03 21.40 3.71
N GLU B 76 14.83 21.32 2.39
CA GLU B 76 15.73 21.98 1.44
C GLU B 76 15.56 23.48 1.54
N ASP B 77 14.30 23.91 1.62
CA ASP B 77 14.01 25.33 1.84
C ASP B 77 14.66 25.81 3.14
N SER B 78 14.51 25.01 4.18
CA SER B 78 15.05 25.34 5.48
C SER B 78 16.57 25.53 5.43
N LEU B 79 17.26 24.60 4.79
CA LEU B 79 18.72 24.67 4.60
C LEU B 79 19.13 25.96 3.89
N TRP B 80 18.41 26.30 2.81
CA TRP B 80 18.70 27.50 2.04
C TRP B 80 18.49 28.76 2.88
N HIS B 81 17.35 28.87 3.57
CA HIS B 81 17.10 30.01 4.45
C HIS B 81 18.08 30.04 5.64
N GLY B 82 18.45 28.87 6.13
CA GLY B 82 19.38 28.74 7.25
C GLY B 82 20.76 29.28 6.98
N VAL B 83 21.34 28.95 5.81
CA VAL B 83 22.67 29.45 5.46
C VAL B 83 22.68 30.94 5.09
N ARG B 84 21.50 31.51 4.84
CA ARG B 84 21.35 32.92 4.47
C ARG B 84 20.88 33.73 5.67
N LYS B 85 20.92 33.10 6.85
CA LYS B 85 20.49 33.72 8.12
C LYS B 85 19.09 34.35 8.05
N GLU B 86 18.18 33.64 7.37
CA GLU B 86 16.79 34.08 7.23
C GLU B 86 15.83 33.33 8.17
N LEU B 87 16.38 32.58 9.12
CA LEU B 87 15.54 31.86 10.08
C LEU B 87 15.20 32.70 11.31
N ASP B 88 14.10 32.35 11.97
CA ASP B 88 13.58 33.09 13.10
C ASP B 88 14.20 32.61 14.42
N SER B 89 15.27 33.30 14.84
CA SER B 89 16.05 33.02 16.05
C SER B 89 15.27 33.06 17.37
N THR B 90 14.09 33.64 17.34
CA THR B 90 13.26 33.75 18.55
C THR B 90 12.56 32.42 18.89
N ARG B 91 12.56 31.47 17.95
CA ARG B 91 11.95 30.14 18.16
C ARG B 91 13.00 29.05 18.40
N PRO B 92 12.80 28.24 19.47
CA PRO B 92 13.72 27.15 19.81
C PRO B 92 13.96 26.21 18.63
N SER B 93 12.90 25.85 17.91
CA SER B 93 13.01 24.92 16.80
C SER B 93 13.93 25.45 15.70
N GLN B 94 13.94 26.77 15.51
CA GLN B 94 14.71 27.41 14.45
C GLN B 94 16.20 27.58 14.83
N ARG B 95 16.49 27.63 16.13
CA ARG B 95 17.88 27.64 16.60
C ARG B 95 18.46 26.22 16.48
N TYR B 96 17.62 25.21 16.67
CA TYR B 96 18.00 23.83 16.38
C TYR B 96 18.31 23.68 14.88
N LEU B 97 17.44 24.24 14.04
CA LEU B 97 17.60 24.18 12.59
C LEU B 97 18.89 24.89 12.14
N LEU B 98 19.12 26.10 12.63
CA LEU B 98 20.33 26.85 12.31
C LEU B 98 21.61 26.04 12.60
N ARG B 99 21.63 25.31 13.72
CA ARG B 99 22.79 24.51 14.06
C ARG B 99 22.95 23.32 13.12
N GLN B 100 21.84 22.77 12.63
CA GLN B 100 21.93 21.70 11.61
C GLN B 100 22.47 22.25 10.29
N CYS B 101 22.03 23.44 9.92
CA CYS B 101 22.51 24.13 8.71
C CYS B 101 24.01 24.38 8.77
N GLN B 102 24.51 24.82 9.94
CA GLN B 102 25.92 25.14 10.11
C GLN B 102 26.76 23.89 9.96
N TYR B 103 26.28 22.80 10.55
CA TYR B 103 26.87 21.48 10.40
C TYR B 103 26.96 21.08 8.92
N VAL B 104 25.86 21.22 8.19
CA VAL B 104 25.84 20.87 6.76
C VAL B 104 26.85 21.72 5.99
N LEU B 105 26.88 23.01 6.28
CA LEU B 105 27.75 23.96 5.62
C LEU B 105 29.25 23.61 5.72
N GLU B 106 29.64 22.79 6.69
CA GLU B 106 31.04 22.39 6.83
C GLU B 106 31.56 21.59 5.65
N GLU B 107 30.67 20.84 5.00
CA GLU B 107 31.04 19.96 3.89
C GLU B 107 30.41 20.36 2.56
N ILE B 108 29.32 21.11 2.61
CA ILE B 108 28.51 21.44 1.44
C ILE B 108 28.65 22.94 1.17
N SER B 109 28.89 23.30 -0.09
CA SER B 109 29.04 24.69 -0.49
C SER B 109 27.71 25.40 -0.74
N LEU B 110 27.76 26.74 -0.68
CA LEU B 110 26.59 27.58 -0.98
C LEU B 110 26.01 27.30 -2.35
N GLU B 111 26.90 26.98 -3.30
CA GLU B 111 26.53 26.62 -4.65
C GLU B 111 25.75 25.31 -4.72
N GLU B 112 26.16 24.30 -3.95
CA GLU B 112 25.40 23.05 -3.87
C GLU B 112 24.04 23.23 -3.22
N ILE B 113 23.98 24.07 -2.19
CA ILE B 113 22.71 24.34 -1.52
C ILE B 113 21.74 25.03 -2.49
N GLU B 114 22.28 25.92 -3.32
CA GLU B 114 21.50 26.55 -4.38
C GLU B 114 20.89 25.50 -5.33
N VAL B 115 21.68 24.50 -5.73
CA VAL B 115 21.20 23.40 -6.57
C VAL B 115 20.09 22.62 -5.86
N LEU B 116 20.33 22.27 -4.59
CA LEU B 116 19.33 21.63 -3.73
C LEU B 116 18.02 22.40 -3.69
N HIS B 117 18.12 23.72 -3.66
CA HIS B 117 16.97 24.59 -3.51
C HIS B 117 16.22 24.85 -4.83
N ASN B 118 16.94 24.75 -5.94
CA ASN B 118 16.36 24.94 -7.26
C ASN B 118 15.74 23.67 -7.82
N GLN B 119 14.66 23.20 -7.19
CA GLN B 119 14.01 22.00 -7.64
C GLN B 119 12.54 22.31 -7.72
N PRO B 120 11.83 21.65 -8.67
CA PRO B 120 10.40 21.96 -8.77
C PRO B 120 9.62 21.37 -7.59
N LEU B 121 8.50 21.99 -7.26
CA LEU B 121 7.56 21.49 -6.26
C LEU B 121 6.83 20.23 -6.73
N GLN B 122 6.44 20.19 -8.00
CA GLN B 122 5.66 19.08 -8.53
C GLN B 122 6.09 18.79 -9.94
N ILE B 123 6.22 17.51 -10.27
CA ILE B 123 6.46 17.10 -11.65
C ILE B 123 5.49 15.99 -12.10
N HIS B 124 5.37 15.82 -13.41
CA HIS B 124 4.54 14.75 -13.95
C HIS B 124 5.34 13.89 -14.90
N ARG B 125 5.07 12.59 -14.85
CA ARG B 125 5.67 11.60 -15.75
C ARG B 125 4.56 10.73 -16.32
N GLN B 126 4.76 10.25 -17.55
CA GLN B 126 3.80 9.36 -18.21
C GLN B 126 4.41 7.98 -18.38
N PHE B 127 3.60 6.95 -18.12
CA PHE B 127 3.91 5.56 -18.44
C PHE B 127 2.69 4.98 -19.17
N GLY B 128 2.80 4.85 -20.50
CA GLY B 128 1.68 4.42 -21.34
C GLY B 128 0.46 5.29 -21.13
N ASP B 129 -0.62 4.68 -20.62
CA ASP B 129 -1.86 5.40 -20.35
C ASP B 129 -1.88 6.20 -19.05
N LEU B 130 -0.88 5.99 -18.19
CA LEU B 130 -0.92 6.55 -16.84
C LEU B 130 -0.06 7.80 -16.64
N THR B 131 -0.67 8.84 -16.10
CA THR B 131 0.02 10.04 -15.66
C THR B 131 0.30 9.96 -14.15
N VAL B 132 1.58 10.08 -13.77
CA VAL B 132 2.03 10.08 -12.38
C VAL B 132 2.38 11.51 -11.93
N GLY B 133 1.70 12.00 -10.90
CA GLY B 133 2.06 13.27 -10.25
C GLY B 133 3.09 13.00 -9.16
N ILE B 134 4.01 13.93 -8.94
CA ILE B 134 5.12 13.73 -7.99
C ILE B 134 5.34 15.03 -7.22
N SER B 135 5.30 14.95 -5.89
CA SER B 135 5.51 16.12 -5.05
C SER B 135 5.98 15.71 -3.64
N HIS B 136 6.59 16.63 -2.88
CA HIS B 136 7.00 16.26 -1.51
C HIS B 136 5.78 16.14 -0.61
N HIS B 137 4.96 17.19 -0.64
CA HIS B 137 3.72 17.25 0.10
C HIS B 137 2.62 17.60 -0.90
N LEU B 138 2.05 18.80 -0.77
CA LEU B 138 1.01 19.29 -1.68
C LEU B 138 1.67 19.82 -2.95
N PRO B 139 0.93 19.82 -4.07
CA PRO B 139 1.53 20.29 -5.33
C PRO B 139 2.20 21.67 -5.25
N ASP B 140 1.64 22.56 -4.44
CA ASP B 140 2.12 23.92 -4.35
C ASP B 140 2.59 24.34 -2.95
N LYS B 141 2.77 23.36 -2.06
CA LYS B 141 3.08 23.61 -0.65
C LYS B 141 3.78 22.38 -0.05
N ASN B 142 5.09 22.49 0.19
CA ASN B 142 5.88 21.34 0.59
C ASN B 142 5.98 21.13 2.11
N TRP B 143 5.18 21.88 2.86
CA TRP B 143 5.22 21.87 4.31
C TRP B 143 3.79 21.81 4.89
N GLY B 144 3.68 21.63 6.21
CA GLY B 144 2.38 21.60 6.87
C GLY B 144 1.85 20.19 7.13
N ARG B 145 0.58 20.12 7.48
CA ARG B 145 -0.03 18.88 8.00
C ARG B 145 -1.29 18.43 7.23
N GLU B 146 -1.53 19.03 6.07
CA GLU B 146 -2.73 18.71 5.27
C GLU B 146 -2.92 17.23 4.95
N LEU B 147 -1.82 16.52 4.63
CA LEU B 147 -1.91 15.14 4.13
C LEU B 147 -1.43 14.10 5.12
N ILE B 148 -1.59 14.39 6.41
CA ILE B 148 -1.32 13.39 7.44
C ILE B 148 -2.31 12.24 7.29
N HIS B 149 -2.12 11.17 8.05
CA HIS B 149 -2.95 9.97 7.91
C HIS B 149 -4.46 10.24 8.00
N THR B 150 -4.84 11.23 8.82
CA THR B 150 -6.24 11.61 9.00
C THR B 150 -6.57 12.93 8.31
N GLY B 151 -5.87 13.23 7.22
CA GLY B 151 -6.14 14.44 6.45
C GLY B 151 -7.49 14.40 5.75
N LYS B 152 -8.05 15.58 5.49
CA LYS B 152 -9.32 15.72 4.77
C LYS B 152 -9.19 15.31 3.32
N GLN B 153 -10.21 14.62 2.83
CA GLN B 153 -10.25 14.13 1.45
C GLN B 153 -10.04 15.26 0.42
N GLU B 154 -10.60 16.43 0.71
CA GLU B 154 -10.43 17.63 -0.12
C GLU B 154 -8.96 17.93 -0.38
N GLU B 155 -8.13 17.71 0.64
CA GLU B 155 -6.70 17.97 0.52
C GLU B 155 -6.02 16.90 -0.35
N PHE B 156 -6.30 15.64 -0.06
CA PHE B 156 -5.79 14.53 -0.88
C PHE B 156 -6.14 14.72 -2.35
N ASP B 157 -7.36 15.18 -2.61
CA ASP B 157 -7.81 15.38 -3.99
C ASP B 157 -6.95 16.41 -4.73
N ARG B 158 -6.30 17.29 -3.99
CA ARG B 158 -5.38 18.26 -4.59
C ARG B 158 -4.17 17.64 -5.27
N LEU B 159 -3.80 16.43 -4.86
CA LEU B 159 -2.66 15.71 -5.47
C LEU B 159 -3.00 15.21 -6.85
N VAL B 160 -4.29 15.00 -7.10
CA VAL B 160 -4.70 14.27 -8.30
C VAL B 160 -5.60 15.07 -9.26
N THR B 161 -5.86 16.33 -8.94
CA THR B 161 -6.65 17.20 -9.82
C THR B 161 -6.01 18.58 -9.83
N HIS B 162 -6.29 19.37 -10.88
CA HIS B 162 -5.81 20.77 -11.00
C HIS B 162 -4.30 20.91 -10.67
N PRO B 163 -3.43 20.30 -11.48
CA PRO B 163 -3.66 19.47 -12.67
C PRO B 163 -3.96 17.99 -12.32
N PRO B 164 -4.60 17.27 -13.26
CA PRO B 164 -4.99 15.87 -13.06
C PRO B 164 -3.86 14.86 -13.26
N CYS B 165 -3.90 13.77 -12.50
CA CYS B 165 -3.05 12.62 -12.74
C CYS B 165 -3.81 11.40 -12.25
N ASP B 166 -3.37 10.22 -12.64
CA ASP B 166 -4.01 8.97 -12.26
C ASP B 166 -3.39 8.36 -11.01
N ILE B 167 -2.15 8.74 -10.72
CA ILE B 167 -1.36 8.20 -9.60
C ILE B 167 -0.50 9.34 -9.10
N ALA B 168 -0.72 9.74 -7.85
CA ALA B 168 0.13 10.69 -7.19
C ALA B 168 1.03 9.97 -6.19
N VAL B 169 2.30 10.36 -6.17
CA VAL B 169 3.24 9.93 -5.14
C VAL B 169 3.70 11.16 -4.34
N TYR B 170 3.78 11.02 -3.01
CA TYR B 170 4.30 12.10 -2.19
C TYR B 170 5.05 11.54 -0.99
N GLY B 171 5.70 12.40 -0.20
CA GLY B 171 6.42 11.95 1.00
C GLY B 171 5.97 12.77 2.20
N HIS B 172 6.92 13.41 2.88
CA HIS B 172 6.67 14.40 3.92
C HIS B 172 6.10 13.86 5.25
N ILE B 173 5.21 12.88 5.20
CA ILE B 173 4.58 12.45 6.45
C ILE B 173 5.33 11.29 7.12
N HIS B 174 6.25 10.67 6.37
CA HIS B 174 7.12 9.62 6.91
C HIS B 174 6.33 8.37 7.26
N GLN B 175 5.26 8.13 6.51
CA GLN B 175 4.47 6.92 6.67
C GLN B 175 4.18 6.33 5.31
N GLN B 176 4.15 5.01 5.23
CA GLN B 176 3.79 4.34 3.99
C GLN B 176 2.27 4.43 3.78
N LEU B 177 1.86 4.61 2.53
CA LEU B 177 0.45 4.89 2.22
C LEU B 177 0.06 4.39 0.83
N LEU B 178 -1.13 3.81 0.74
CA LEU B 178 -1.79 3.52 -0.51
C LEU B 178 -3.28 3.81 -0.28
N ARG B 179 -3.73 4.96 -0.78
CA ARG B 179 -5.15 5.28 -0.76
C ARG B 179 -5.60 5.96 -2.06
N TYR B 180 -6.74 6.64 -2.03
CA TYR B 180 -7.42 7.06 -3.27
C TYR B 180 -7.90 8.50 -3.26
N GLY B 181 -7.89 9.12 -4.42
CA GLY B 181 -8.62 10.38 -4.60
C GLY B 181 -10.11 10.07 -4.69
N THR B 182 -10.94 11.09 -4.57
CA THR B 182 -12.38 10.92 -4.69
C THR B 182 -12.73 10.19 -5.98
N GLY B 183 -12.03 10.52 -7.05
CA GLY B 183 -12.26 9.89 -8.35
C GLY B 183 -11.57 8.55 -8.58
N GLY B 184 -11.02 7.95 -7.52
CA GLY B 184 -10.39 6.64 -7.67
C GLY B 184 -8.91 6.66 -8.08
N GLN B 185 -8.33 7.85 -8.20
CA GLN B 185 -6.91 7.98 -8.52
C GLN B 185 -6.07 7.44 -7.38
N LEU B 186 -4.99 6.73 -7.69
CA LEU B 186 -4.07 6.24 -6.67
C LEU B 186 -3.26 7.33 -6.00
N ILE B 187 -3.01 7.15 -4.71
CA ILE B 187 -2.15 8.05 -3.92
C ILE B 187 -1.27 7.16 -3.05
N VAL B 188 0.04 7.32 -3.20
CA VAL B 188 0.99 6.45 -2.53
C VAL B 188 2.08 7.28 -1.88
N ASN B 189 2.72 6.69 -0.88
CA ASN B 189 3.77 7.35 -0.13
C ASN B 189 4.74 6.26 0.24
N PRO B 190 6.03 6.42 -0.08
CA PRO B 190 7.03 5.40 0.25
C PRO B 190 7.40 5.38 1.71
N GLY B 191 7.01 6.38 2.49
CA GLY B 191 7.52 6.55 3.85
C GLY B 191 8.93 7.17 3.86
N SER B 192 9.61 7.05 5.00
CA SER B 192 10.87 7.75 5.23
C SER B 192 12.03 6.78 5.36
N ILE B 193 13.09 7.05 4.61
CA ILE B 193 14.30 6.25 4.69
C ILE B 193 15.00 6.45 6.04
N GLY B 194 15.03 7.68 6.50
CA GLY B 194 15.89 8.05 7.62
C GLY B 194 15.22 8.32 8.95
N GLN B 195 13.90 8.55 8.94
CA GLN B 195 13.15 8.97 10.12
C GLN B 195 11.72 8.40 10.07
N PRO B 196 11.58 7.07 10.04
CA PRO B 196 10.25 6.47 9.92
C PRO B 196 9.36 6.80 11.12
N PHE B 197 8.12 7.15 10.83
CA PHE B 197 7.23 7.69 11.84
C PHE B 197 6.09 6.74 12.07
N PHE B 198 5.89 6.38 13.33
CA PHE B 198 4.77 5.51 13.74
C PHE B 198 4.01 6.11 14.92
N LEU B 199 2.69 6.05 14.86
CA LEU B 199 1.82 6.49 15.95
C LEU B 199 1.45 5.29 16.81
N ASP B 200 1.64 4.10 16.26
CA ASP B 200 1.32 2.85 16.94
C ASP B 200 2.58 2.26 17.59
N ALA B 201 2.48 2.01 18.90
CA ALA B 201 3.64 1.66 19.74
C ALA B 201 4.32 0.37 19.33
N GLN B 202 3.51 -0.63 18.99
CA GLN B 202 4.02 -1.93 18.53
C GLN B 202 4.70 -1.84 17.17
N LEU B 203 4.08 -1.10 16.25
CA LEU B 203 4.73 -0.82 14.95
C LEU B 203 6.00 -0.01 15.15
N ARG B 204 5.97 0.90 16.14
CA ARG B 204 7.12 1.78 16.47
C ARG B 204 8.35 1.02 16.99
N LYS B 205 8.16 -0.25 17.36
CA LYS B 205 9.26 -1.11 17.79
C LYS B 205 10.18 -1.53 16.63
N ASP B 206 9.75 -1.25 15.39
CA ASP B 206 10.50 -1.67 14.21
C ASP B 206 10.73 -0.40 13.42
N LEU B 207 11.95 0.12 13.51
CA LEU B 207 12.34 1.39 12.91
C LEU B 207 13.28 1.21 11.73
N ARG B 208 13.10 0.10 11.02
CA ARG B 208 13.80 -0.10 9.75
C ARG B 208 13.44 1.02 8.76
N ALA B 209 14.35 1.29 7.84
CA ALA B 209 14.13 2.28 6.77
C ALA B 209 12.87 1.94 5.98
N GLN B 210 12.15 2.95 5.53
CA GLN B 210 10.98 2.73 4.66
C GLN B 210 11.27 3.28 3.26
N TYR B 211 11.01 2.47 2.23
CA TYR B 211 10.81 3.02 0.90
C TYR B 211 9.83 2.15 0.10
N MET B 212 9.60 2.49 -1.17
CA MET B 212 8.72 1.63 -1.97
C MET B 212 9.19 1.49 -3.41
N ILE B 213 8.80 0.38 -4.03
CA ILE B 213 9.05 0.15 -5.45
C ILE B 213 7.75 0.21 -6.25
N LEU B 214 7.77 0.98 -7.33
CA LEU B 214 6.73 0.97 -8.33
C LEU B 214 7.25 0.24 -9.56
N GLU B 215 6.48 -0.72 -10.05
CA GLU B 215 6.81 -1.37 -11.31
C GLU B 215 5.70 -1.16 -12.34
N PHE B 216 6.05 -0.51 -13.45
CA PHE B 216 5.19 -0.35 -14.63
C PHE B 216 5.60 -1.29 -15.77
N ASP B 217 4.61 -1.88 -16.42
CA ASP B 217 4.87 -2.69 -17.61
C ASP B 217 3.96 -2.26 -18.75
N ASP B 218 3.88 -3.08 -19.78
CA ASP B 218 3.13 -2.74 -21.00
C ASP B 218 1.62 -2.55 -20.72
N LYS B 219 1.11 -3.30 -19.75
CA LYS B 219 -0.30 -3.26 -19.34
C LYS B 219 -0.65 -2.26 -18.25
N GLY B 220 0.36 -1.67 -17.60
CA GLY B 220 0.11 -0.68 -16.53
C GLY B 220 0.97 -0.93 -15.29
N LEU B 221 0.46 -0.50 -14.14
CA LEU B 221 1.14 -0.67 -12.86
C LEU B 221 0.92 -2.08 -12.37
N VAL B 222 2.00 -2.85 -12.32
CA VAL B 222 1.91 -4.29 -12.02
C VAL B 222 2.32 -4.60 -10.58
N ASP B 223 2.98 -3.66 -9.92
CA ASP B 223 3.47 -3.88 -8.55
C ASP B 223 3.65 -2.61 -7.74
N MET B 224 3.20 -2.66 -6.48
CA MET B 224 3.48 -1.64 -5.49
C MET B 224 4.06 -2.34 -4.25
N ASP B 225 5.37 -2.23 -4.06
CA ASP B 225 6.03 -2.95 -2.98
C ASP B 225 6.56 -2.01 -1.89
N PHE B 226 5.90 -2.02 -0.75
CA PHE B 226 6.27 -1.17 0.37
C PHE B 226 7.26 -1.93 1.23
N ARG B 227 8.52 -1.46 1.20
CA ARG B 227 9.64 -2.21 1.79
C ARG B 227 10.17 -1.62 3.08
N ARG B 228 10.71 -2.50 3.92
CA ARG B 228 11.47 -2.11 5.10
C ARG B 228 12.90 -2.61 4.92
N VAL B 229 13.88 -1.78 5.27
CA VAL B 229 15.28 -2.16 5.08
C VAL B 229 16.02 -2.03 6.40
N ASP B 230 16.58 -3.15 6.87
CA ASP B 230 17.39 -3.17 8.08
C ASP B 230 18.70 -2.40 7.83
N TYR B 231 19.14 -1.66 8.83
CA TYR B 231 20.44 -1.04 8.78
C TYR B 231 21.06 -1.02 10.18
N ASP B 232 22.37 -0.80 10.23
CA ASP B 232 23.12 -0.81 11.48
C ASP B 232 22.95 0.50 12.24
N VAL B 233 21.93 0.55 13.11
CA VAL B 233 21.62 1.76 13.90
C VAL B 233 22.81 2.16 14.81
N ALA B 234 23.44 1.17 15.45
CA ALA B 234 24.64 1.38 16.28
C ALA B 234 25.74 2.10 15.49
N ALA B 235 25.97 1.66 14.25
CA ALA B 235 26.99 2.32 13.41
C ALA B 235 26.64 3.77 13.07
N GLU B 236 25.38 4.04 12.80
CA GLU B 236 24.94 5.38 12.51
C GLU B 236 25.09 6.29 13.73
N LEU B 237 24.76 5.77 14.90
CA LEU B 237 24.89 6.57 16.12
C LEU B 237 26.37 6.80 16.47
N GLN B 238 27.22 5.82 16.22
CA GLN B 238 28.67 5.97 16.48
C GLN B 238 29.24 7.02 15.52
N LEU B 239 28.74 7.00 14.29
CA LEU B 239 29.12 7.99 13.29
C LEU B 239 28.68 9.38 13.73
N ALA B 240 27.45 9.49 14.23
CA ALA B 240 26.96 10.76 14.76
C ALA B 240 27.88 11.32 15.87
N LYS B 241 28.39 10.43 16.73
CA LYS B 241 29.32 10.84 17.79
C LYS B 241 30.67 11.29 17.23
N ASP B 242 31.22 10.48 16.33
CA ASP B 242 32.47 10.77 15.66
C ASP B 242 32.45 12.09 14.90
N LEU B 243 31.27 12.46 14.38
CA LEU B 243 31.15 13.69 13.58
C LEU B 243 30.78 14.90 14.42
N ARG B 244 30.49 14.68 15.69
CA ARG B 244 29.90 15.71 16.56
C ARG B 244 28.63 16.30 15.97
N LEU B 245 27.78 15.44 15.44
CA LEU B 245 26.43 15.84 15.02
C LEU B 245 25.76 16.60 16.17
N PRO B 246 25.16 17.77 15.90
CA PRO B 246 24.45 18.47 16.99
C PRO B 246 23.19 17.69 17.43
N TYR B 247 22.80 17.86 18.69
CA TYR B 247 21.59 17.21 19.25
C TYR B 247 21.60 15.72 19.07
N PHE B 248 22.70 15.11 19.48
CA PHE B 248 22.83 13.67 19.43
C PHE B 248 21.64 12.96 20.08
N GLU B 249 21.16 13.49 21.21
CA GLU B 249 20.09 12.83 21.98
C GLU B 249 18.74 12.85 21.25
N VAL B 250 18.50 13.88 20.47
CA VAL B 250 17.31 13.97 19.62
C VAL B 250 17.40 12.93 18.50
N TYR B 251 18.58 12.85 17.88
CA TYR B 251 18.83 11.90 16.81
C TYR B 251 18.69 10.46 17.30
N TYR B 252 19.37 10.16 18.40
CA TYR B 252 19.23 8.89 19.11
C TYR B 252 17.77 8.54 19.34
N GLU B 253 17.01 9.46 19.93
CA GLU B 253 15.60 9.19 20.19
C GLU B 253 14.86 8.81 18.92
N SER B 254 15.13 9.53 17.82
CA SER B 254 14.42 9.31 16.56
C SER B 254 14.72 7.94 15.99
N LEU B 255 15.97 7.49 16.08
CA LEU B 255 16.39 6.22 15.45
C LEU B 255 16.11 4.96 16.28
N VAL B 256 16.05 5.12 17.60
CA VAL B 256 15.96 3.99 18.53
C VAL B 256 14.54 3.86 19.07
N ASN B 257 13.96 4.99 19.47
CA ASN B 257 12.64 4.98 20.05
C ASN B 257 11.53 5.46 19.10
N GLY B 258 11.90 6.17 18.02
CA GLY B 258 10.93 6.60 17.02
C GLY B 258 10.08 7.79 17.42
N ILE B 259 10.57 8.55 18.38
CA ILE B 259 9.86 9.72 18.88
C ILE B 259 10.52 10.98 18.32
N HIS B 260 9.70 11.91 17.85
CA HIS B 260 10.18 13.16 17.26
C HIS B 260 9.71 14.38 18.08
P AMP C . -19.32 -7.39 -2.93
O1P AMP C . -19.39 -7.71 -1.46
O2P AMP C . -18.35 -8.22 -3.72
O3P AMP C . -20.70 -7.36 -3.53
O5' AMP C . -18.81 -5.86 -2.99
C5' AMP C . -17.78 -5.41 -3.87
C4' AMP C . -18.30 -4.41 -4.88
O4' AMP C . -18.75 -3.20 -4.29
C3' AMP C . -17.21 -3.95 -5.85
O3' AMP C . -16.98 -4.88 -6.90
C2' AMP C . -17.79 -2.67 -6.40
O2' AMP C . -18.62 -2.96 -7.54
C1' AMP C . -18.62 -2.13 -5.24
N9 AMP C . -17.88 -0.96 -4.68
C8 AMP C . -16.78 -0.99 -3.89
N7 AMP C . -16.37 0.27 -3.58
C5 AMP C . -17.22 1.13 -4.18
C6 AMP C . -17.36 2.60 -4.27
N6 AMP C . -16.48 3.42 -3.64
N1 AMP C . -18.39 3.09 -5.02
C2 AMP C . -19.26 2.30 -5.67
N3 AMP C . -19.19 0.94 -5.62
C4 AMP C . -18.22 0.31 -4.90
FE FE D . -16.54 -9.18 -3.14
MN MN E . -18.00 -8.61 -0.20
P AMP F . 9.27 17.10 7.89
O1P AMP F . 8.94 17.75 6.58
O2P AMP F . 10.31 16.00 7.84
O3P AMP F . 9.53 18.16 8.94
O5' AMP F . 7.90 16.37 8.37
C5' AMP F . 7.80 15.00 8.76
C4' AMP F . 7.46 14.87 10.24
O4' AMP F . 6.11 15.28 10.51
C3' AMP F . 7.55 13.43 10.72
O3' AMP F . 8.87 13.07 11.14
C2' AMP F . 6.59 13.40 11.90
O2' AMP F . 7.28 13.64 13.14
C1' AMP F . 5.62 14.55 11.65
N9 AMP F . 4.29 13.94 11.40
C8 AMP F . 3.89 13.30 10.28
N7 AMP F . 2.61 12.85 10.38
C5 AMP F . 2.17 13.19 11.60
C6 AMP F . 0.91 13.01 12.37
N6 AMP F . -0.16 12.37 11.83
N1 AMP F . 0.85 13.52 13.62
C2 AMP F . 1.90 14.17 14.18
N3 AMP F . 3.08 14.37 13.55
C4 AMP F . 3.27 13.91 12.28
FE FE G . 10.77 14.78 6.08
MN MN H . 8.98 17.25 4.68
#